data_5SOI
#
_entry.id   5SOI
#
_cell.length_a   88.780
_cell.length_b   88.780
_cell.length_c   39.468
_cell.angle_alpha   90.000
_cell.angle_beta   90.000
_cell.angle_gamma   90.000
#
_symmetry.space_group_name_H-M   'P 43'
#
loop_
_entity.id
_entity.type
_entity.pdbx_description
1 polymer 'Non-structural protein 3'
2 non-polymer '3-[(3R)-1-(7H-pyrrolo[2,3-d]pyrimidin-4-yl)piperidin-3-yl]propanoic acid'
3 non-polymer '3-[(3S)-1-(7H-pyrrolo[2,3-d]pyrimidin-4-yl)piperidin-3-yl]propanoic acid'
4 water water
#
_entity_poly.entity_id   1
_entity_poly.type   'polypeptide(L)'
_entity_poly.pdbx_seq_one_letter_code
;SMVNSFSGYLKLTDNVYIKNADIVEEAKKVKPTVVVNAANVYLKHGGGVAGALNKATNNAMQVESDDYIATNGPLKVGGS
CVLSGHNLAKHCLHVVGPNVNKGEDIQLLKSAYENFNQHEVLLAPLLSAGIFGADPIHSLRVCVDTVRTNVYLAVFDKNL
YDKLVSSFL
;
_entity_poly.pdbx_strand_id   A,B
#
loop_
_chem_comp.id
_chem_comp.type
_chem_comp.name
_chem_comp.formula
WVG non-polymer '3-[(3R)-1-(7H-pyrrolo[2,3-d]pyrimidin-4-yl)piperidin-3-yl]propanoic acid' 'C14 H18 N4 O2'
WYY non-polymer '3-[(3S)-1-(7H-pyrrolo[2,3-d]pyrimidin-4-yl)piperidin-3-yl]propanoic acid' 'C14 H18 N4 O2'
#
# COMPACT_ATOMS: atom_id res chain seq x y z
N VAL A 3 -2.72 18.05 -17.25
N VAL A 3 -2.72 18.16 -17.27
CA VAL A 3 -3.88 17.60 -18.02
CA VAL A 3 -3.90 17.69 -17.97
C VAL A 3 -3.74 16.13 -18.39
C VAL A 3 -3.75 16.20 -18.31
N ASN A 4 -4.82 15.38 -18.21
N ASN A 4 -4.81 15.41 -18.08
CA ASN A 4 -4.86 13.97 -18.60
CA ASN A 4 -4.85 14.00 -18.47
C ASN A 4 -6.14 13.70 -19.40
C ASN A 4 -6.13 13.77 -19.30
N SER A 5 -6.29 12.46 -19.85
N SER A 5 -6.31 12.52 -19.76
CA SER A 5 -7.31 12.08 -20.81
CA SER A 5 -7.31 12.14 -20.76
C SER A 5 -8.62 11.60 -20.19
C SER A 5 -8.63 11.63 -20.17
N PHE A 6 -8.75 11.55 -18.85
CA PHE A 6 -10.02 11.14 -18.24
C PHE A 6 -11.11 12.18 -18.49
N SER A 7 -12.31 11.72 -18.85
CA SER A 7 -13.40 12.59 -19.29
C SER A 7 -14.70 12.25 -18.57
N GLY A 8 -15.51 13.29 -18.25
CA GLY A 8 -16.84 13.06 -17.70
C GLY A 8 -16.87 12.75 -16.22
N TYR A 9 -15.77 12.94 -15.49
CA TYR A 9 -15.74 12.65 -14.08
C TYR A 9 -16.24 13.83 -13.26
N LEU A 10 -16.89 13.50 -12.19
N LEU A 10 -16.83 13.47 -12.11
CA LEU A 10 -17.24 14.48 -11.19
CA LEU A 10 -17.26 14.42 -11.09
C LEU A 10 -16.07 14.58 -10.19
C LEU A 10 -16.11 14.56 -10.09
N LYS A 11 -15.72 15.80 -9.81
CA LYS A 11 -14.61 16.04 -8.90
C LYS A 11 -15.14 15.99 -7.47
N LEU A 12 -14.63 15.07 -6.64
CA LEU A 12 -15.09 15.01 -5.25
C LEU A 12 -14.18 15.82 -4.33
N THR A 13 -12.87 15.75 -4.56
CA THR A 13 -11.88 16.46 -3.75
C THR A 13 -10.76 16.93 -4.67
N ASP A 14 -9.72 17.48 -4.05
CA ASP A 14 -8.54 17.91 -4.79
C ASP A 14 -8.03 16.80 -5.70
N ASN A 15 -8.10 15.54 -5.24
CA ASN A 15 -7.42 14.44 -5.93
C ASN A 15 -8.28 13.25 -6.29
N VAL A 16 -9.57 13.24 -5.92
CA VAL A 16 -10.45 12.10 -6.16
C VAL A 16 -11.58 12.53 -7.09
N TYR A 17 -11.79 11.72 -8.13
CA TYR A 17 -12.78 11.93 -9.17
C TYR A 17 -13.61 10.66 -9.31
N ILE A 18 -14.82 10.75 -9.84
N ILE A 18 -14.87 10.84 -9.70
CA ILE A 18 -15.70 9.59 -9.90
CA ILE A 18 -15.81 9.72 -9.77
C ILE A 18 -16.62 9.67 -11.12
C ILE A 18 -16.69 9.83 -11.03
N LYS A 19 -16.92 8.50 -11.70
N LYS A 19 -17.11 8.68 -11.56
CA LYS A 19 -17.73 8.40 -12.90
CA LYS A 19 -17.96 8.64 -12.75
C LYS A 19 -18.55 7.11 -12.83
C LYS A 19 -18.66 7.29 -12.80
N ASN A 20 -19.75 7.14 -13.42
N ASN A 20 -19.97 7.28 -13.04
CA ASN A 20 -20.49 5.92 -13.70
CA ASN A 20 -20.71 6.02 -13.23
C ASN A 20 -19.93 5.36 -14.99
C ASN A 20 -20.20 5.36 -14.50
N ALA A 21 -19.17 4.27 -14.88
N ALA A 21 -19.33 4.36 -14.37
CA ALA A 21 -18.54 3.69 -16.06
CA ALA A 21 -18.73 3.76 -15.55
C ALA A 21 -18.17 2.25 -15.78
C ALA A 21 -18.26 2.34 -15.25
N ASP A 22 -18.08 1.48 -16.86
N ASP A 22 -18.10 1.55 -16.31
CA ASP A 22 -17.51 0.14 -16.84
CA ASP A 22 -17.50 0.22 -16.23
C ASP A 22 -16.01 0.28 -16.91
C ASP A 22 -15.99 0.38 -16.38
N ILE A 23 -15.30 -0.15 -15.87
N ILE A 23 -15.22 -0.06 -15.37
CA ILE A 23 -13.85 0.03 -15.80
CA ILE A 23 -13.76 0.15 -15.37
C ILE A 23 -13.15 -0.61 -16.98
C ILE A 23 -13.10 -0.47 -16.61
N VAL A 24 -13.69 -1.72 -17.51
N VAL A 24 -13.61 -1.60 -17.10
CA VAL A 24 -13.08 -2.36 -18.67
CA VAL A 24 -13.07 -2.25 -18.31
C VAL A 24 -13.15 -1.43 -19.88
C VAL A 24 -13.24 -1.32 -19.52
N GLU A 25 -14.32 -0.86 -20.12
N GLU A 25 -14.46 -0.80 -19.71
CA GLU A 25 -14.48 0.04 -21.26
CA GLU A 25 -14.71 0.14 -20.81
C GLU A 25 -13.71 1.33 -21.07
C GLU A 25 -13.91 1.43 -20.65
N GLU A 26 -13.65 1.82 -19.83
N GLU A 26 -13.76 1.90 -19.41
CA GLU A 26 -12.89 3.02 -19.54
CA GLU A 26 -12.94 3.07 -19.14
C GLU A 26 -11.42 2.75 -19.75
C GLU A 26 -11.48 2.83 -19.51
N ALA A 27 -10.97 1.62 -19.24
CA ALA A 27 -9.57 1.29 -19.49
C ALA A 27 -9.28 1.16 -20.98
N LYS A 28 -10.16 0.49 -21.71
CA LYS A 28 -9.98 0.33 -23.16
C LYS A 28 -9.88 1.66 -23.87
N LYS A 29 -10.55 2.67 -23.39
N LYS A 29 -10.68 2.65 -23.42
CA LYS A 29 -10.51 3.92 -24.13
CA LYS A 29 -10.76 3.97 -24.05
C LYS A 29 -9.38 4.82 -23.68
C LYS A 29 -9.56 4.85 -23.67
N VAL A 30 -9.20 4.90 -22.38
CA VAL A 30 -8.16 5.78 -21.86
C VAL A 30 -6.73 5.18 -22.01
N LYS A 31 -6.49 3.86 -21.84
N LYS A 31 -6.62 3.87 -21.82
CA LYS A 31 -5.17 3.22 -21.77
CA LYS A 31 -5.33 3.19 -21.76
C LYS A 31 -4.40 3.91 -20.67
C LYS A 31 -4.46 3.89 -20.70
N PRO A 32 -4.94 3.94 -19.46
CA PRO A 32 -4.23 4.66 -18.39
C PRO A 32 -2.92 3.97 -18.08
N THR A 33 -2.04 4.72 -17.43
CA THR A 33 -0.77 4.15 -16.95
C THR A 33 -1.03 3.00 -15.99
N VAL A 34 -2.01 3.17 -15.08
CA VAL A 34 -2.34 2.15 -14.07
C VAL A 34 -3.85 1.96 -14.02
N VAL A 35 -4.29 0.72 -14.17
CA VAL A 35 -5.63 0.29 -13.79
C VAL A 35 -5.53 -0.59 -12.55
N VAL A 36 -6.39 -0.35 -11.57
CA VAL A 36 -6.43 -1.15 -10.36
C VAL A 36 -7.40 -2.30 -10.54
N ASN A 37 -6.95 -3.50 -10.18
CA ASN A 37 -7.82 -4.67 -10.09
C ASN A 37 -8.19 -4.93 -8.64
N ALA A 38 -9.47 -5.27 -8.44
CA ALA A 38 -9.99 -5.75 -7.16
C ALA A 38 -9.65 -7.23 -7.02
N ALA A 39 -8.42 -7.50 -6.61
CA ALA A 39 -7.87 -8.84 -6.58
C ALA A 39 -8.15 -9.55 -5.26
N ASN A 40 -7.98 -10.88 -5.29
CA ASN A 40 -7.85 -11.67 -4.08
C ASN A 40 -6.39 -12.14 -3.94
N VAL A 41 -6.06 -12.72 -2.78
CA VAL A 41 -4.67 -13.03 -2.48
C VAL A 41 -4.09 -14.07 -3.42
N TYR A 42 -4.92 -14.86 -4.08
CA TYR A 42 -4.48 -15.91 -4.99
C TYR A 42 -4.43 -15.43 -6.43
N LEU A 43 -4.80 -14.17 -6.67
CA LEU A 43 -4.95 -13.63 -8.03
C LEU A 43 -5.77 -14.55 -8.91
N LYS A 44 -6.85 -15.11 -8.34
CA LYS A 44 -7.82 -15.90 -9.09
C LYS A 44 -8.93 -14.97 -9.54
N HIS A 45 -8.90 -14.60 -10.81
N HIS A 45 -8.92 -14.60 -10.81
CA HIS A 45 -9.73 -13.52 -11.32
CA HIS A 45 -9.85 -13.61 -11.37
C HIS A 45 -11.06 -14.07 -11.86
C HIS A 45 -11.12 -14.31 -11.86
N GLY A 46 -11.90 -14.54 -10.94
N GLY A 46 -12.05 -14.56 -10.92
CA GLY A 46 -13.06 -15.33 -11.35
CA GLY A 46 -13.30 -15.26 -11.23
C GLY A 46 -14.32 -14.53 -11.62
C GLY A 46 -14.43 -14.36 -11.67
N GLY A 47 -14.48 -13.40 -10.92
N GLY A 47 -14.73 -13.31 -10.91
CA GLY A 47 -15.72 -12.66 -10.99
CA GLY A 47 -15.86 -12.45 -11.24
C GLY A 47 -15.53 -11.24 -10.51
C GLY A 47 -15.63 -10.99 -10.88
N GLY A 48 -16.62 -10.50 -10.49
N GLY A 48 -16.68 -10.17 -10.98
CA GLY A 48 -16.53 -9.10 -10.15
CA GLY A 48 -16.54 -8.74 -10.68
C GLY A 48 -15.66 -8.34 -11.13
C GLY A 48 -15.52 -8.06 -11.57
N VAL A 49 -15.02 -7.28 -10.62
N VAL A 49 -14.79 -7.10 -11.00
CA VAL A 49 -14.11 -6.50 -11.44
CA VAL A 49 -13.77 -6.36 -11.75
C VAL A 49 -12.99 -7.38 -11.99
C VAL A 49 -12.70 -7.32 -12.27
N ALA A 50 -12.42 -8.26 -11.16
N ALA A 50 -12.21 -8.21 -11.40
CA ALA A 50 -11.29 -9.07 -11.61
CA ALA A 50 -11.12 -9.12 -11.77
C ALA A 50 -11.69 -9.99 -12.76
C ALA A 50 -11.53 -10.03 -12.93
N GLY A 51 -12.83 -10.66 -12.64
N GLY A 51 -12.70 -10.66 -12.82
CA GLY A 51 -13.25 -11.53 -13.72
CA GLY A 51 -13.15 -11.55 -13.89
C GLY A 51 -13.48 -10.76 -15.00
C GLY A 51 -13.39 -10.83 -15.19
N ALA A 52 -14.03 -9.54 -14.89
N ALA A 52 -13.92 -9.60 -15.12
CA ALA A 52 -14.27 -8.73 -16.08
CA ALA A 52 -14.20 -8.82 -16.33
C ALA A 52 -12.98 -8.23 -16.70
C ALA A 52 -12.91 -8.29 -16.97
N LEU A 53 -12.03 -7.73 -15.89
N LEU A 53 -11.98 -7.76 -16.17
CA LEU A 53 -10.74 -7.31 -16.43
CA LEU A 53 -10.69 -7.34 -16.72
C LEU A 53 -10.06 -8.47 -17.10
C LEU A 53 -9.99 -8.53 -17.34
N ASN A 54 -10.02 -9.62 -16.44
N ASN A 54 -9.88 -9.62 -16.60
CA ASN A 54 -9.30 -10.76 -17.00
CA ASN A 54 -9.23 -10.81 -17.14
C ASN A 54 -9.93 -11.20 -18.33
C ASN A 54 -9.94 -11.28 -18.40
N LYS A 55 -11.27 -11.26 -18.39
CA LYS A 55 -11.96 -11.65 -19.62
C LYS A 55 -11.57 -10.73 -20.76
N ALA A 56 -11.47 -9.43 -20.49
CA ALA A 56 -11.11 -8.45 -21.50
C ALA A 56 -9.69 -8.65 -22.03
N THR A 57 -8.80 -9.26 -21.24
CA THR A 57 -7.45 -9.62 -21.69
C THR A 57 -7.38 -11.00 -22.33
N ASN A 58 -8.52 -11.64 -22.57
CA ASN A 58 -8.53 -12.97 -23.19
C ASN A 58 -7.78 -13.99 -22.31
N ASN A 59 -7.85 -13.81 -20.99
CA ASN A 59 -7.24 -14.68 -19.98
C ASN A 59 -5.73 -14.48 -19.85
N ALA A 60 -5.13 -13.53 -20.57
CA ALA A 60 -3.70 -13.31 -20.40
C ALA A 60 -3.36 -12.82 -18.99
N MET A 61 -4.25 -12.02 -18.39
CA MET A 61 -4.03 -11.59 -17.01
C MET A 61 -3.94 -12.80 -16.07
N GLN A 62 -4.83 -13.78 -16.24
CA GLN A 62 -4.78 -14.97 -15.38
C GLN A 62 -3.52 -15.78 -15.59
N VAL A 63 -3.08 -15.94 -16.84
CA VAL A 63 -1.86 -16.69 -17.13
C VAL A 63 -0.67 -16.02 -16.44
N GLU A 64 -0.54 -14.70 -16.59
CA GLU A 64 0.55 -13.98 -15.94
C GLU A 64 0.45 -14.10 -14.42
N SER A 65 -0.77 -14.01 -13.89
CA SER A 65 -0.99 -14.07 -12.45
C SER A 65 -0.61 -15.43 -11.88
N ASP A 66 -0.94 -16.51 -12.59
CA ASP A 66 -0.60 -17.84 -12.11
C ASP A 66 0.91 -18.03 -12.02
N ASP A 67 1.65 -17.48 -12.98
CA ASP A 67 3.11 -17.52 -12.89
C ASP A 67 3.61 -16.70 -11.71
N TYR A 68 3.01 -15.52 -11.48
CA TYR A 68 3.40 -14.70 -10.32
C TYR A 68 3.22 -15.46 -9.02
N ILE A 69 2.06 -16.11 -8.84
CA ILE A 69 1.79 -16.83 -7.59
C ILE A 69 2.71 -18.03 -7.45
N ALA A 70 2.95 -18.74 -8.54
CA ALA A 70 3.85 -19.90 -8.46
C ALA A 70 5.24 -19.49 -8.01
N THR A 71 5.67 -18.28 -8.35
CA THR A 71 7.00 -17.80 -7.94
C THR A 71 7.00 -17.20 -6.55
N ASN A 72 5.96 -16.41 -6.21
CA ASN A 72 5.99 -15.54 -5.04
C ASN A 72 5.04 -15.94 -3.93
N GLY A 73 4.11 -16.84 -4.17
CA GLY A 73 3.06 -17.14 -3.22
C GLY A 73 2.02 -16.03 -3.16
N PRO A 74 1.02 -16.25 -2.32
CA PRO A 74 -0.12 -15.32 -2.26
C PRO A 74 0.26 -13.93 -1.76
N LEU A 75 -0.53 -12.96 -2.18
CA LEU A 75 -0.47 -11.64 -1.58
C LEU A 75 -1.01 -11.67 -0.15
N LYS A 76 -0.78 -10.55 0.56
CA LYS A 76 -1.43 -10.26 1.84
C LYS A 76 -2.74 -9.53 1.59
N VAL A 77 -3.74 -9.80 2.44
CA VAL A 77 -4.91 -8.90 2.46
C VAL A 77 -4.42 -7.51 2.87
N GLY A 78 -4.78 -6.50 2.06
CA GLY A 78 -4.26 -5.15 2.21
C GLY A 78 -3.06 -4.88 1.33
N GLY A 79 -2.51 -5.91 0.68
CA GLY A 79 -1.33 -5.77 -0.15
C GLY A 79 -1.64 -5.67 -1.63
N SER A 80 -0.58 -5.64 -2.43
CA SER A 80 -0.70 -5.42 -3.86
C SER A 80 0.53 -5.93 -4.58
N CYS A 81 0.38 -6.08 -5.90
CA CYS A 81 1.52 -6.27 -6.78
C CYS A 81 1.23 -5.56 -8.09
N VAL A 82 2.30 -5.16 -8.77
CA VAL A 82 2.21 -4.54 -10.10
C VAL A 82 2.51 -5.59 -11.15
N LEU A 83 1.59 -5.79 -12.08
CA LEU A 83 1.78 -6.70 -13.19
C LEU A 83 1.42 -5.93 -14.47
N SER A 84 1.46 -6.62 -15.60
CA SER A 84 1.13 -5.98 -16.86
C SER A 84 -0.32 -5.52 -16.90
N GLY A 85 -0.58 -4.44 -17.64
CA GLY A 85 -1.93 -4.03 -17.93
C GLY A 85 -2.47 -4.62 -19.21
N HIS A 86 -1.67 -5.43 -19.90
CA HIS A 86 -2.11 -6.12 -21.12
C HIS A 86 -2.66 -5.10 -22.10
N ASN A 87 -3.82 -5.34 -22.69
CA ASN A 87 -4.44 -4.47 -23.67
C ASN A 87 -5.25 -3.35 -23.03
N LEU A 88 -5.27 -3.27 -21.70
CA LEU A 88 -6.13 -2.32 -20.99
C LEU A 88 -5.42 -1.09 -20.44
N ALA A 89 -4.13 -1.20 -20.14
CA ALA A 89 -3.37 -0.17 -19.43
C ALA A 89 -1.90 -0.53 -19.57
N LYS A 90 -1.02 0.40 -19.20
CA LYS A 90 0.39 0.02 -19.14
C LYS A 90 0.61 -1.04 -18.06
N HIS A 91 0.10 -0.77 -16.85
CA HIS A 91 0.27 -1.63 -15.69
C HIS A 91 -1.09 -1.91 -15.06
N CYS A 92 -1.19 -3.06 -14.41
CA CYS A 92 -2.31 -3.35 -13.53
C CYS A 92 -1.77 -3.47 -12.11
N LEU A 93 -2.31 -2.64 -11.22
CA LEU A 93 -2.04 -2.74 -9.78
C LEU A 93 -3.12 -3.64 -9.18
N HIS A 94 -2.74 -4.87 -8.84
CA HIS A 94 -3.66 -5.82 -8.21
C HIS A 94 -3.66 -5.53 -6.72
N VAL A 95 -4.78 -5.07 -6.19
CA VAL A 95 -4.89 -4.66 -4.79
C VAL A 95 -5.93 -5.55 -4.10
N VAL A 96 -5.58 -6.09 -2.94
CA VAL A 96 -6.45 -6.98 -2.18
C VAL A 96 -7.10 -6.19 -1.05
N GLY A 97 -8.35 -5.80 -1.24
N GLY A 97 -8.39 -5.88 -1.17
CA GLY A 97 -9.13 -5.32 -0.16
CA GLY A 97 -9.14 -5.29 -0.08
C GLY A 97 -9.70 -6.49 0.64
C GLY A 97 -9.63 -6.40 0.85
N PRO A 98 -10.07 -6.24 1.89
N PRO A 98 -9.91 -6.08 2.13
CA PRO A 98 -10.71 -7.29 2.68
CA PRO A 98 -10.42 -7.10 3.05
C PRO A 98 -12.04 -7.71 2.08
C PRO A 98 -11.72 -7.70 2.53
N ASN A 99 -12.29 -9.01 2.09
N ASN A 99 -11.89 -9.01 2.73
CA ASN A 99 -13.56 -9.58 1.63
CA ASN A 99 -13.18 -9.66 2.43
C ASN A 99 -14.43 -9.87 2.85
C ASN A 99 -13.93 -9.87 3.75
N VAL A 100 -15.46 -9.06 3.04
N VAL A 100 -14.92 -9.01 4.02
CA VAL A 100 -16.35 -9.22 4.18
CA VAL A 100 -15.62 -9.05 5.32
C VAL A 100 -17.01 -10.60 4.15
C VAL A 100 -16.48 -10.30 5.46
N ASN A 101 -17.28 -11.12 2.96
N ASN A 101 -16.80 -10.98 4.36
CA ASN A 101 -17.88 -12.45 2.85
CA ASN A 101 -17.51 -12.26 4.42
C ASN A 101 -16.90 -13.57 3.21
C ASN A 101 -16.56 -13.41 4.75
N LYS A 102 -15.64 -13.23 3.53
N LYS A 102 -15.24 -13.18 4.71
CA LYS A 102 -14.69 -14.17 4.13
CA LYS A 102 -14.23 -14.13 5.18
C LYS A 102 -14.37 -13.83 5.58
C LYS A 102 -13.79 -13.82 6.61
N GLY A 103 -14.98 -12.78 6.14
N GLY A 103 -14.37 -12.80 7.24
CA GLY A 103 -14.73 -12.41 7.53
CA GLY A 103 -13.99 -12.39 8.57
C GLY A 103 -13.47 -11.60 7.75
C GLY A 103 -12.78 -11.49 8.62
N GLU A 104 -12.94 -10.95 6.73
N GLU A 104 -12.31 -11.00 7.47
CA GLU A 104 -11.68 -10.23 6.86
CA GLU A 104 -11.09 -10.20 7.40
C GLU A 104 -11.90 -8.84 7.45
C GLU A 104 -11.35 -8.77 7.88
N ASP A 105 -10.89 -8.34 8.16
N ASP A 105 -10.47 -8.29 8.78
CA ASP A 105 -11.03 -7.16 8.98
CA ASP A 105 -10.56 -6.95 9.36
C ASP A 105 -11.14 -5.92 8.09
C ASP A 105 -10.74 -5.85 8.31
N ILE A 106 -12.24 -5.16 8.25
N ILE A 106 -11.77 -5.00 8.50
CA ILE A 106 -12.50 -4.02 7.38
CA ILE A 106 -12.12 -3.91 7.58
C ILE A 106 -11.45 -2.93 7.58
C ILE A 106 -11.18 -2.71 7.69
N GLN A 107 -10.78 -2.90 8.73
N GLN A 107 -10.31 -2.68 8.72
CA GLN A 107 -9.71 -1.93 8.94
CA GLN A 107 -9.30 -1.64 8.84
C GLN A 107 -8.60 -2.09 7.91
C GLN A 107 -8.22 -1.84 7.78
N LEU A 108 -8.46 -3.28 7.33
N LEU A 108 -8.07 -3.08 7.32
CA LEU A 108 -7.45 -3.50 6.29
CA LEU A 108 -7.23 -3.40 6.18
C LEU A 108 -7.75 -2.72 5.02
C LEU A 108 -7.73 -2.72 4.92
N LEU A 109 -8.95 -2.15 4.92
CA LEU A 109 -9.30 -1.37 3.73
C LEU A 109 -8.40 -0.16 3.58
N LYS A 110 -8.04 0.50 4.69
CA LYS A 110 -7.13 1.64 4.61
C LYS A 110 -5.77 1.20 4.09
N SER A 111 -5.24 0.10 4.62
CA SER A 111 -3.95 -0.42 4.12
C SER A 111 -4.02 -0.71 2.62
N ALA A 112 -5.14 -1.27 2.16
CA ALA A 112 -5.32 -1.56 0.74
C ALA A 112 -5.22 -0.28 -0.10
N TYR A 113 -5.93 0.77 0.31
CA TYR A 113 -5.89 2.02 -0.43
C TYR A 113 -4.52 2.69 -0.38
N GLU A 114 -3.73 2.44 0.68
CA GLU A 114 -2.40 3.06 0.74
C GLU A 114 -1.54 2.66 -0.45
N ASN A 115 -1.78 1.47 -1.03
CA ASN A 115 -1.02 1.07 -2.21
C ASN A 115 -1.17 2.06 -3.35
N PHE A 116 -2.33 2.74 -3.44
CA PHE A 116 -2.53 3.68 -4.54
C PHE A 116 -1.54 4.84 -4.48
N ASN A 117 -1.01 5.16 -3.30
CA ASN A 117 -0.14 6.32 -3.16
C ASN A 117 1.21 6.12 -3.82
N GLN A 118 1.53 4.91 -4.26
CA GLN A 118 2.77 4.64 -4.96
C GLN A 118 2.67 4.97 -6.45
N HIS A 119 1.52 5.49 -6.90
CA HIS A 119 1.25 5.76 -8.32
C HIS A 119 0.61 7.13 -8.45
N GLU A 120 1.15 7.95 -9.35
CA GLU A 120 0.71 9.34 -9.43
C GLU A 120 -0.74 9.48 -9.90
N VAL A 121 -1.17 8.61 -10.81
CA VAL A 121 -2.51 8.63 -11.38
C VAL A 121 -3.00 7.19 -11.56
N LEU A 122 -4.26 6.91 -11.19
CA LEU A 122 -4.82 5.58 -11.33
C LEU A 122 -6.28 5.64 -11.74
N LEU A 123 -6.71 4.66 -12.54
CA LEU A 123 -8.11 4.31 -12.74
C LEU A 123 -8.41 3.14 -11.83
N ALA A 124 -9.48 3.21 -11.06
N ALA A 124 -9.43 3.30 -10.98
CA ALA A 124 -9.68 2.20 -10.03
CA ALA A 124 -9.67 2.26 -9.98
C ALA A 124 -11.16 1.98 -9.75
C ALA A 124 -11.14 2.09 -9.68
N PRO A 125 -11.51 0.81 -9.23
N PRO A 125 -11.54 0.88 -9.25
CA PRO A 125 -12.81 0.57 -8.63
CA PRO A 125 -12.91 0.64 -8.79
C PRO A 125 -12.75 0.89 -7.14
C PRO A 125 -13.00 0.93 -7.30
N LEU A 126 -13.91 0.96 -6.53
N LEU A 126 -14.19 0.82 -6.73
CA LEU A 126 -13.99 1.06 -5.09
CA LEU A 126 -14.33 0.86 -5.28
C LEU A 126 -13.59 -0.27 -4.43
C LEU A 126 -13.84 -0.48 -4.70
N LEU A 127 -12.51 -0.26 -3.67
N LEU A 127 -12.95 -0.43 -3.70
CA LEU A 127 -12.00 -1.48 -3.06
CA LEU A 127 -12.42 -1.66 -3.13
C LEU A 127 -13.00 -2.04 -2.06
C LEU A 127 -13.34 -2.18 -2.02
N SER A 128 -13.09 -3.37 -2.05
N SER A 128 -13.35 -3.51 -1.84
CA SER A 128 -13.95 -4.15 -1.17
CA SER A 128 -14.12 -4.21 -0.81
C SER A 128 -15.44 -3.97 -1.46
C SER A 128 -15.64 -4.13 -1.00
N ALA A 129 -15.80 -3.24 -2.52
N ALA A 129 -16.11 -3.77 -2.19
CA ALA A 129 -17.20 -3.11 -2.92
CA ALA A 129 -17.54 -3.74 -2.52
C ALA A 129 -17.65 -4.35 -3.71
C ALA A 129 -17.92 -5.07 -3.16
N GLY A 130 -18.86 -4.31 -4.23
N GLY A 130 -19.14 -5.16 -3.69
CA GLY A 130 -19.35 -5.41 -5.05
CA GLY A 130 -19.60 -6.41 -4.31
C GLY A 130 -19.33 -6.70 -4.28
C GLY A 130 -19.42 -7.56 -3.31
N ILE A 131 -18.83 -7.76 -4.92
N ILE A 131 -18.80 -8.66 -3.76
CA ILE A 131 -18.83 -9.10 -4.32
CA ILE A 131 -18.70 -9.88 -2.97
C ILE A 131 -17.92 -9.23 -3.12
C ILE A 131 -17.81 -9.75 -1.74
N PHE A 132 -17.08 -8.22 -2.83
N PHE A 132 -17.00 -8.70 -1.64
CA PHE A 132 -16.27 -8.27 -1.61
CA PHE A 132 -16.16 -8.52 -0.46
C PHE A 132 -17.06 -7.87 -0.37
C PHE A 132 -16.99 -8.17 0.79
N GLY A 133 -18.28 -7.35 -0.53
N GLY A 133 -18.21 -7.68 0.62
CA GLY A 133 -19.22 -7.28 0.56
CA GLY A 133 -19.20 -7.62 1.70
C GLY A 133 -19.16 -6.06 1.46
C GLY A 133 -19.12 -6.40 2.59
N ALA A 134 -18.24 -5.11 1.23
N ALA A 134 -18.28 -5.43 2.26
CA ALA A 134 -18.21 -3.92 2.06
CA ALA A 134 -18.15 -4.22 3.08
C ALA A 134 -19.22 -2.88 1.56
C ALA A 134 -19.05 -3.12 2.53
N ASP A 135 -19.50 -1.92 2.42
N ASP A 135 -19.28 -2.09 3.33
CA ASP A 135 -20.37 -0.79 2.07
CA ASP A 135 -20.19 -1.00 2.90
C ASP A 135 -19.61 0.16 1.14
C ASP A 135 -19.53 -0.13 1.81
N PRO A 136 -20.06 0.35 -0.10
N PRO A 136 -20.10 -0.06 0.59
CA PRO A 136 -19.30 1.23 -1.01
CA PRO A 136 -19.47 0.72 -0.50
C PRO A 136 -19.21 2.68 -0.52
C PRO A 136 -19.38 2.22 -0.21
N ILE A 137 -20.19 3.17 0.24
N ILE A 137 -20.34 2.77 0.54
CA ILE A 137 -20.08 4.51 0.80
CA ILE A 137 -20.26 4.18 0.92
C ILE A 137 -18.91 4.60 1.80
C ILE A 137 -18.96 4.43 1.68
N HIS A 138 -18.73 3.57 2.67
CA HIS A 138 -17.54 3.54 3.51
C HIS A 138 -16.26 3.45 2.69
N SER A 139 -16.26 2.59 1.67
CA SER A 139 -15.06 2.46 0.85
C SER A 139 -14.68 3.80 0.22
N LEU A 140 -15.66 4.57 -0.26
CA LEU A 140 -15.36 5.88 -0.82
C LEU A 140 -14.77 6.82 0.23
N ARG A 141 -15.30 6.79 1.45
CA ARG A 141 -14.78 7.64 2.52
C ARG A 141 -13.33 7.29 2.81
N VAL A 142 -13.02 5.99 2.93
CA VAL A 142 -11.63 5.58 3.19
C VAL A 142 -10.74 6.01 2.04
N CYS A 143 -11.21 5.84 0.81
CA CYS A 143 -10.43 6.26 -0.36
C CYS A 143 -10.05 7.73 -0.24
N VAL A 144 -11.05 8.59 -0.02
CA VAL A 144 -10.81 10.03 0.04
C VAL A 144 -9.87 10.38 1.17
N ASP A 145 -9.98 9.69 2.30
CA ASP A 145 -9.17 10.00 3.48
C ASP A 145 -7.81 9.30 3.47
N THR A 146 -7.50 8.50 2.47
CA THR A 146 -6.25 7.73 2.43
C THR A 146 -5.41 8.02 1.20
N VAL A 147 -6.04 8.07 0.03
CA VAL A 147 -5.31 8.26 -1.21
C VAL A 147 -5.01 9.75 -1.38
N ARG A 148 -3.75 10.06 -1.66
CA ARG A 148 -3.28 11.42 -1.91
C ARG A 148 -2.91 11.66 -3.36
N THR A 149 -2.71 10.59 -4.14
CA THR A 149 -2.45 10.69 -5.55
C THR A 149 -3.78 10.81 -6.29
N ASN A 150 -3.71 10.98 -7.60
CA ASN A 150 -4.91 11.30 -8.38
C ASN A 150 -5.62 10.03 -8.79
N VAL A 151 -6.83 9.83 -8.29
CA VAL A 151 -7.56 8.59 -8.49
C VAL A 151 -8.89 8.89 -9.17
N TYR A 152 -9.14 8.16 -10.25
CA TYR A 152 -10.34 8.22 -11.08
C TYR A 152 -11.12 6.95 -10.81
N LEU A 153 -12.24 7.07 -10.11
CA LEU A 153 -13.04 5.92 -9.72
C LEU A 153 -14.15 5.67 -10.70
N ALA A 154 -14.18 4.42 -11.17
N ALA A 154 -14.27 4.42 -11.20
CA ALA A 154 -15.21 3.92 -12.06
CA ALA A 154 -15.34 3.97 -12.12
C ALA A 154 -16.19 3.09 -11.24
C ALA A 154 -16.34 3.16 -11.31
N VAL A 155 -17.47 3.47 -11.29
N VAL A 155 -17.48 3.78 -10.98
CA VAL A 155 -18.53 2.78 -10.58
CA VAL A 155 -18.55 3.14 -10.21
C VAL A 155 -19.49 2.23 -11.62
C VAL A 155 -19.55 2.47 -11.17
N PHE A 156 -19.58 0.90 -11.71
N PHE A 156 -19.69 1.14 -11.06
CA PHE A 156 -20.35 0.25 -12.76
CA PHE A 156 -20.50 0.35 -11.98
C PHE A 156 -21.84 0.54 -12.64
C PHE A 156 -22.00 0.58 -11.79
N ASP A 157 -22.38 0.48 -11.44
N ASP A 157 -22.50 0.40 -10.57
CA ASP A 157 -23.83 0.55 -11.24
CA ASP A 157 -23.94 0.52 -10.27
C ASP A 157 -24.28 2.02 -11.16
C ASP A 157 -24.33 2.00 -10.24
N LYS A 158 -25.18 2.41 -12.06
N LYS A 158 -25.11 2.45 -11.25
CA LYS A 158 -25.63 3.80 -12.09
CA LYS A 158 -25.59 3.83 -11.25
C LYS A 158 -26.37 4.16 -10.81
C LYS A 158 -26.38 4.10 -9.98
N ASN A 159 -27.23 3.26 -10.32
N ASN A 159 -27.17 3.10 -9.56
CA ASN A 159 -27.92 3.53 -9.07
CA ASN A 159 -27.95 3.22 -8.33
C ASN A 159 -26.94 3.78 -7.93
C ASN A 159 -27.09 3.64 -7.13
N LEU A 160 -25.90 2.95 -7.84
N LEU A 160 -25.89 3.07 -7.02
CA LEU A 160 -24.91 3.14 -6.79
CA LEU A 160 -24.97 3.41 -5.94
C LEU A 160 -24.16 4.45 -6.98
C LEU A 160 -24.19 4.68 -6.25
N TYR A 161 -23.78 4.76 -8.23
N TYR A 161 -23.76 4.85 -7.51
CA TYR A 161 -23.06 6.01 -8.47
CA TYR A 161 -23.06 6.07 -7.92
C TYR A 161 -23.82 7.25 -7.92
C TYR A 161 -23.92 7.27 -7.58
N ASP A 162 -25.16 7.30 -8.08
CA ASP A 162 -26.00 8.42 -7.65
C ASP A 162 -26.06 8.49 -6.12
N LYS A 163 -26.15 7.33 -5.46
CA LYS A 163 -26.17 7.32 -3.99
C LYS A 163 -24.84 7.80 -3.40
N LEU A 164 -23.73 7.39 -4.02
CA LEU A 164 -22.40 7.81 -3.53
C LEU A 164 -22.22 9.32 -3.64
N VAL A 165 -22.62 9.89 -4.77
CA VAL A 165 -22.52 11.33 -4.99
C VAL A 165 -23.43 12.07 -4.01
N SER A 166 -24.69 11.65 -3.93
CA SER A 166 -25.68 12.39 -3.16
C SER A 166 -25.41 12.33 -1.66
N SER A 167 -24.70 11.29 -1.21
CA SER A 167 -24.38 11.12 0.21
C SER A 167 -22.97 11.56 0.56
N PHE A 168 -22.22 12.08 -0.42
CA PHE A 168 -20.81 12.42 -0.16
C PHE A 168 -20.74 13.64 0.74
N LEU A 169 -19.87 13.58 1.74
CA LEU A 169 -19.65 14.73 2.60
C LEU A 169 -18.35 15.43 2.21
N SER B 1 11.33 -21.25 20.63
CA SER B 1 12.17 -20.09 20.22
C SER B 1 11.54 -18.72 20.51
N MET B 2 12.42 -17.75 20.78
N MET B 2 12.41 -17.78 20.81
CA MET B 2 12.02 -16.38 21.08
CA MET B 2 12.06 -16.40 21.16
C MET B 2 12.27 -15.54 19.86
C MET B 2 12.30 -15.49 19.94
N VAL B 3 11.20 -14.98 19.34
CA VAL B 3 11.26 -13.99 18.27
C VAL B 3 10.40 -12.80 18.70
N ASN B 4 10.72 -11.63 18.14
CA ASN B 4 9.96 -10.41 18.43
C ASN B 4 9.87 -10.17 19.94
N SER B 5 10.97 -10.39 20.62
N SER B 5 10.99 -10.36 20.65
CA SER B 5 11.02 -10.22 22.07
CA SER B 5 11.04 -10.21 22.11
C SER B 5 11.58 -8.84 22.41
C SER B 5 11.58 -8.82 22.45
N PHE B 6 10.73 -7.84 22.21
CA PHE B 6 11.05 -6.44 22.46
C PHE B 6 10.91 -6.16 23.94
N SER B 7 11.91 -5.49 24.50
N SER B 7 11.90 -5.50 24.54
CA SER B 7 11.94 -5.19 25.91
CA SER B 7 11.83 -5.15 25.96
C SER B 7 12.55 -3.81 26.15
C SER B 7 12.45 -3.78 26.23
N GLY B 8 12.03 -3.13 27.16
N GLY B 8 11.86 -3.08 27.19
CA GLY B 8 12.56 -1.83 27.52
CA GLY B 8 12.37 -1.80 27.65
C GLY B 8 12.02 -0.68 26.69
C GLY B 8 11.94 -0.66 26.77
N TYR B 9 10.91 -0.86 25.95
CA TYR B 9 10.36 0.21 25.13
C TYR B 9 9.36 1.04 25.89
N LEU B 10 9.37 2.32 25.57
CA LEU B 10 8.41 3.29 26.07
C LEU B 10 7.26 3.39 25.09
N LYS B 11 6.07 3.28 25.63
N LYS B 11 6.03 3.21 25.58
CA LYS B 11 4.87 3.36 24.82
CA LYS B 11 4.83 3.31 24.75
C LYS B 11 4.55 4.81 24.49
C LYS B 11 4.51 4.78 24.48
N LEU B 12 4.43 5.14 23.20
CA LEU B 12 4.00 6.49 22.79
C LEU B 12 2.53 6.51 22.41
N THR B 13 2.08 5.50 21.65
CA THR B 13 0.70 5.32 21.30
C THR B 13 0.41 3.83 21.45
N ASP B 14 -0.83 3.43 21.15
CA ASP B 14 -1.18 2.02 21.29
C ASP B 14 -0.33 1.13 20.39
N ASN B 15 0.26 1.68 19.31
CA ASN B 15 1.05 0.85 18.39
C ASN B 15 2.47 1.33 18.14
N VAL B 16 2.91 2.44 18.73
CA VAL B 16 4.25 2.98 18.47
C VAL B 16 5.00 3.00 19.79
N TYR B 17 6.18 2.38 19.78
CA TYR B 17 7.03 2.21 20.95
C TYR B 17 8.42 2.72 20.60
N ILE B 18 9.18 3.17 21.61
CA ILE B 18 10.48 3.78 21.34
C ILE B 18 11.48 3.40 22.43
N LYS B 19 12.74 3.26 22.02
CA LYS B 19 13.82 2.86 22.92
C LYS B 19 15.12 3.53 22.49
N ASN B 20 15.94 3.91 23.47
CA ASN B 20 17.30 4.36 23.21
C ASN B 20 18.16 3.11 23.05
N ALA B 21 18.52 2.79 21.80
CA ALA B 21 19.20 1.54 21.49
C ALA B 21 19.87 1.63 20.13
N ASP B 22 20.94 0.84 19.97
CA ASP B 22 21.59 0.57 18.70
C ASP B 22 20.77 -0.49 17.96
N ILE B 23 20.25 -0.14 16.78
CA ILE B 23 19.31 -1.01 16.07
C ILE B 23 19.93 -2.35 15.70
N VAL B 24 21.23 -2.40 15.44
CA VAL B 24 21.88 -3.69 15.14
C VAL B 24 21.89 -4.57 16.38
N GLU B 25 22.32 -4.01 17.52
CA GLU B 25 22.30 -4.76 18.77
C GLU B 25 20.89 -5.18 19.14
N GLU B 26 19.92 -4.30 18.91
CA GLU B 26 18.53 -4.64 19.19
C GLU B 26 18.07 -5.80 18.31
N ALA B 27 18.37 -5.72 17.01
CA ALA B 27 17.94 -6.79 16.11
C ALA B 27 18.50 -8.14 16.56
N LYS B 28 19.77 -8.16 16.95
CA LYS B 28 20.39 -9.43 17.34
C LYS B 28 19.77 -9.97 18.64
N LYS B 29 19.32 -9.09 19.54
CA LYS B 29 18.69 -9.50 20.80
C LYS B 29 17.22 -9.88 20.63
N VAL B 30 16.45 -9.04 19.93
CA VAL B 30 14.99 -9.16 19.80
C VAL B 30 14.60 -10.28 18.85
N LYS B 31 15.46 -10.57 17.86
N LYS B 31 15.44 -10.55 17.89
CA LYS B 31 15.17 -11.51 16.78
CA LYS B 31 15.15 -11.53 16.85
C LYS B 31 13.84 -11.18 16.09
C LYS B 31 13.83 -11.15 16.16
N PRO B 32 13.74 -9.99 15.51
CA PRO B 32 12.47 -9.56 14.91
C PRO B 32 12.20 -10.28 13.60
N THR B 33 10.91 -10.44 13.28
CA THR B 33 10.53 -10.88 11.95
C THR B 33 10.99 -9.89 10.89
N VAL B 34 10.90 -8.59 11.19
CA VAL B 34 11.22 -7.55 10.20
C VAL B 34 12.08 -6.48 10.87
N VAL B 35 13.23 -6.19 10.27
CA VAL B 35 13.97 -4.97 10.58
C VAL B 35 13.88 -4.05 9.37
N VAL B 36 13.63 -2.78 9.61
CA VAL B 36 13.54 -1.78 8.55
C VAL B 36 14.92 -1.17 8.33
N ASN B 37 15.31 -1.07 7.06
CA ASN B 37 16.49 -0.33 6.66
C ASN B 37 16.07 1.03 6.11
N ALA B 38 16.85 2.04 6.48
CA ALA B 38 16.78 3.39 5.92
C ALA B 38 17.52 3.41 4.59
N ALA B 39 16.84 2.92 3.55
CA ALA B 39 17.44 2.66 2.25
C ALA B 39 17.36 3.87 1.32
N ASN B 40 18.12 3.79 0.23
CA ASN B 40 17.99 4.68 -0.91
C ASN B 40 17.55 3.86 -2.12
N VAL B 41 17.21 4.54 -3.22
CA VAL B 41 16.53 3.87 -4.33
C VAL B 41 17.41 2.81 -5.00
N TYR B 42 18.73 2.94 -4.94
CA TYR B 42 19.63 1.95 -5.53
C TYR B 42 20.16 0.96 -4.50
N LEU B 43 19.63 0.98 -3.27
CA LEU B 43 20.03 0.04 -2.23
C LEU B 43 21.54 0.02 -2.06
N LYS B 44 22.16 1.20 -2.05
CA LYS B 44 23.58 1.36 -1.80
C LYS B 44 23.74 1.73 -0.33
N HIS B 45 24.19 0.75 0.46
CA HIS B 45 24.12 0.84 1.93
C HIS B 45 25.41 1.41 2.48
N GLY B 46 25.59 2.72 2.26
CA GLY B 46 26.87 3.34 2.60
C GLY B 46 27.01 3.84 4.03
N GLY B 47 26.01 4.57 4.52
CA GLY B 47 26.15 5.37 5.71
C GLY B 47 24.98 5.16 6.66
N GLY B 48 25.07 5.76 7.84
CA GLY B 48 23.97 5.72 8.78
C GLY B 48 23.51 4.31 9.06
N VAL B 49 22.19 4.16 9.18
CA VAL B 49 21.59 2.87 9.50
C VAL B 49 21.95 1.82 8.46
N ALA B 50 21.84 2.17 7.17
CA ALA B 50 22.06 1.16 6.13
C ALA B 50 23.49 0.65 6.17
N GLY B 51 24.46 1.55 6.37
CA GLY B 51 25.83 1.11 6.47
C GLY B 51 26.05 0.18 7.65
N ALA B 52 25.42 0.48 8.78
CA ALA B 52 25.57 -0.36 9.96
C ALA B 52 24.92 -1.72 9.77
N LEU B 53 23.71 -1.76 9.21
CA LEU B 53 23.06 -3.06 8.98
C LEU B 53 23.88 -3.89 8.00
N ASN B 54 24.33 -3.27 6.91
CA ASN B 54 25.10 -4.04 5.93
C ASN B 54 26.40 -4.57 6.53
N LYS B 55 27.10 -3.74 7.30
CA LYS B 55 28.33 -4.20 7.94
C LYS B 55 28.06 -5.39 8.85
N ALA B 56 26.95 -5.38 9.59
CA ALA B 56 26.66 -6.49 10.50
C ALA B 56 26.46 -7.78 9.72
N THR B 57 25.98 -7.68 8.46
CA THR B 57 25.82 -8.86 7.60
C THR B 57 27.09 -9.22 6.85
N ASN B 58 28.21 -8.58 7.16
CA ASN B 58 29.47 -8.84 6.46
C ASN B 58 29.29 -8.65 4.95
N ASN B 59 28.53 -7.62 4.56
CA ASN B 59 28.32 -7.21 3.17
C ASN B 59 27.36 -8.12 2.41
N ALA B 60 26.79 -9.15 3.05
CA ALA B 60 25.84 -10.01 2.32
C ALA B 60 24.61 -9.23 1.89
N MET B 61 24.17 -8.27 2.70
CA MET B 61 23.03 -7.44 2.33
C MET B 61 23.33 -6.67 1.04
N GLN B 62 24.53 -6.11 0.91
CA GLN B 62 24.86 -5.34 -0.30
C GLN B 62 24.89 -6.24 -1.53
N VAL B 63 25.47 -7.43 -1.42
CA VAL B 63 25.52 -8.35 -2.56
C VAL B 63 24.11 -8.70 -3.00
N GLU B 64 23.27 -9.06 -2.04
CA GLU B 64 21.87 -9.40 -2.35
C GLU B 64 21.15 -8.21 -2.97
N SER B 65 21.40 -7.02 -2.43
CA SER B 65 20.75 -5.80 -2.93
C SER B 65 21.15 -5.49 -4.36
N ASP B 66 22.45 -5.62 -4.68
CA ASP B 66 22.88 -5.34 -6.05
C ASP B 66 22.23 -6.30 -7.03
N ASP B 67 22.06 -7.57 -6.64
CA ASP B 67 21.37 -8.52 -7.49
C ASP B 67 19.90 -8.14 -7.66
N TYR B 68 19.24 -7.71 -6.57
CA TYR B 68 17.86 -7.24 -6.66
C TYR B 68 17.75 -6.10 -7.67
N ILE B 69 18.67 -5.12 -7.59
CA ILE B 69 18.64 -3.97 -8.50
C ILE B 69 18.87 -4.40 -9.94
N ALA B 70 19.79 -5.34 -10.17
CA ALA B 70 20.02 -5.80 -11.53
C ALA B 70 18.74 -6.36 -12.14
N THR B 71 17.96 -7.08 -11.34
CA THR B 71 16.74 -7.73 -11.83
C THR B 71 15.56 -6.77 -11.93
N ASN B 72 15.44 -5.82 -11.00
CA ASN B 72 14.22 -5.04 -10.81
C ASN B 72 14.38 -3.54 -11.06
N GLY B 73 15.60 -3.03 -11.12
CA GLY B 73 15.79 -1.60 -11.20
C GLY B 73 15.56 -0.92 -9.85
N PRO B 74 15.79 0.38 -9.82
CA PRO B 74 15.71 1.12 -8.54
C PRO B 74 14.29 1.21 -8.02
N LEU B 75 14.19 1.36 -6.70
CA LEU B 75 12.93 1.64 -6.04
C LEU B 75 12.50 3.08 -6.33
N LYS B 76 11.27 3.40 -5.98
CA LYS B 76 10.76 4.77 -5.94
C LYS B 76 11.00 5.35 -4.54
N VAL B 77 11.28 6.66 -4.48
CA VAL B 77 11.23 7.34 -3.18
C VAL B 77 9.82 7.19 -2.63
N GLY B 78 9.71 6.73 -1.38
CA GLY B 78 8.44 6.39 -0.77
C GLY B 78 8.09 4.92 -0.88
N GLY B 79 8.86 4.14 -1.64
CA GLY B 79 8.62 2.73 -1.83
C GLY B 79 9.51 1.85 -0.97
N SER B 80 9.37 0.53 -1.17
CA SER B 80 10.09 -0.44 -0.37
C SER B 80 10.23 -1.75 -1.12
N CYS B 81 11.12 -2.60 -0.60
CA CYS B 81 11.15 -4.00 -1.00
C CYS B 81 11.54 -4.84 0.20
N VAL B 82 11.11 -6.10 0.17
CA VAL B 82 11.44 -7.09 1.20
C VAL B 82 12.57 -7.97 0.71
N LEU B 83 13.66 -8.02 1.47
CA LEU B 83 14.79 -8.90 1.20
C LEU B 83 15.10 -9.69 2.47
N SER B 84 16.16 -10.50 2.42
CA SER B 84 16.52 -11.28 3.60
C SER B 84 16.97 -10.36 4.74
N GLY B 85 16.76 -10.81 5.96
CA GLY B 85 17.29 -10.18 7.14
C GLY B 85 18.62 -10.74 7.61
N HIS B 86 19.17 -11.75 6.94
CA HIS B 86 20.55 -12.23 7.22
C HIS B 86 20.65 -12.61 8.69
N ASN B 87 21.63 -12.09 9.43
CA ASN B 87 21.82 -12.40 10.84
C ASN B 87 21.08 -11.43 11.75
N LEU B 88 20.20 -10.59 11.19
CA LEU B 88 19.51 -9.55 11.94
C LEU B 88 18.04 -9.81 12.15
N ALA B 89 17.39 -10.51 11.23
CA ALA B 89 15.93 -10.62 11.25
C ALA B 89 15.56 -11.66 10.21
N LYS B 90 14.30 -12.10 10.24
CA LYS B 90 13.85 -12.95 9.15
C LYS B 90 13.93 -12.18 7.83
N HIS B 91 13.39 -10.96 7.82
CA HIS B 91 13.33 -10.12 6.64
C HIS B 91 13.89 -8.74 6.96
N CYS B 92 14.46 -8.10 5.95
CA CYS B 92 14.72 -6.67 5.98
C CYS B 92 13.78 -5.96 5.01
N LEU B 93 13.00 -5.02 5.53
CA LEU B 93 12.17 -4.14 4.72
C LEU B 93 12.98 -2.89 4.42
N HIS B 94 13.44 -2.77 3.17
CA HIS B 94 14.21 -1.62 2.73
C HIS B 94 13.21 -0.54 2.33
N VAL B 95 13.14 0.56 3.09
CA VAL B 95 12.17 1.63 2.84
C VAL B 95 12.92 2.90 2.49
N VAL B 96 12.49 3.55 1.42
CA VAL B 96 13.14 4.78 0.96
C VAL B 96 12.33 5.98 1.42
N GLY B 97 12.80 6.66 2.46
CA GLY B 97 12.26 7.95 2.83
C GLY B 97 12.92 9.03 1.99
N PRO B 98 12.28 10.19 1.88
CA PRO B 98 12.91 11.31 1.17
C PRO B 98 14.16 11.80 1.91
N ASN B 99 15.20 12.07 1.14
CA ASN B 99 16.44 12.63 1.65
C ASN B 99 16.43 14.14 1.43
N VAL B 100 16.10 14.90 2.49
CA VAL B 100 16.05 16.36 2.42
C VAL B 100 17.43 16.95 2.13
N ASN B 101 18.51 16.26 2.55
CA ASN B 101 19.87 16.72 2.20
C ASN B 101 20.13 16.61 0.70
N LYS B 102 19.25 15.93 -0.07
N LYS B 102 19.30 15.91 -0.05
CA LYS B 102 19.32 15.85 -1.52
CA LYS B 102 19.42 15.83 -1.49
C LYS B 102 18.17 16.56 -2.22
C LYS B 102 18.28 16.57 -2.18
N GLY B 103 17.42 17.39 -1.49
N GLY B 103 17.50 17.34 -1.42
CA GLY B 103 16.35 18.15 -2.09
CA GLY B 103 16.42 18.15 -1.94
C GLY B 103 15.08 17.38 -2.33
C GLY B 103 15.14 17.41 -2.27
N GLU B 104 14.90 16.23 -1.68
CA GLU B 104 13.71 15.44 -1.98
C GLU B 104 12.54 15.92 -1.14
N ASP B 105 11.34 15.70 -1.66
N ASP B 105 11.33 15.72 -1.63
CA ASP B 105 10.15 16.29 -1.04
CA ASP B 105 10.16 16.34 -1.00
C ASP B 105 9.82 15.56 0.28
C ASP B 105 9.81 15.59 0.28
N ILE B 106 9.93 16.26 1.42
CA ILE B 106 9.58 15.74 2.73
C ILE B 106 8.14 15.21 2.77
N GLN B 107 7.28 15.71 1.87
CA GLN B 107 5.91 15.24 1.78
C GLN B 107 5.82 13.74 1.49
N LEU B 108 6.86 13.14 0.89
CA LEU B 108 6.88 11.71 0.56
C LEU B 108 7.10 10.82 1.77
N LEU B 109 7.35 11.43 2.93
CA LEU B 109 7.60 10.66 4.15
C LEU B 109 6.37 9.86 4.56
N LYS B 110 5.16 10.39 4.36
CA LYS B 110 3.98 9.61 4.72
C LYS B 110 3.88 8.35 3.88
N SER B 111 4.08 8.47 2.56
CA SER B 111 4.08 7.28 1.70
C SER B 111 5.11 6.27 2.16
N ALA B 112 6.30 6.73 2.55
CA ALA B 112 7.33 5.83 3.01
C ALA B 112 6.86 5.05 4.24
N TYR B 113 6.27 5.75 5.23
CA TYR B 113 5.80 5.06 6.43
C TYR B 113 4.64 4.10 6.14
N GLU B 114 3.83 4.38 5.10
CA GLU B 114 2.73 3.47 4.79
C GLU B 114 3.23 2.05 4.51
N ASN B 115 4.46 1.89 4.05
CA ASN B 115 4.99 0.55 3.82
C ASN B 115 4.97 -0.27 5.11
N PHE B 116 5.12 0.37 6.25
CA PHE B 116 5.18 -0.37 7.51
C PHE B 116 3.86 -1.10 7.77
N ASN B 117 2.74 -0.58 7.24
CA ASN B 117 1.42 -1.18 7.52
C ASN B 117 1.25 -2.54 6.88
N GLN B 118 2.16 -2.95 6.01
CA GLN B 118 2.12 -4.29 5.41
C GLN B 118 2.76 -5.35 6.31
N HIS B 119 3.18 -5.00 7.53
CA HIS B 119 3.86 -5.91 8.45
C HIS B 119 3.29 -5.72 9.84
N GLU B 120 2.94 -6.82 10.52
N GLU B 120 2.94 -6.82 10.52
CA GLU B 120 2.23 -6.70 11.78
CA GLU B 120 2.24 -6.70 11.78
C GLU B 120 3.12 -6.13 12.88
C GLU B 120 3.12 -6.12 12.88
N VAL B 121 4.42 -6.40 12.85
CA VAL B 121 5.37 -5.89 13.84
C VAL B 121 6.72 -5.68 13.17
N LEU B 122 7.36 -4.55 13.50
CA LEU B 122 8.65 -4.18 12.90
C LEU B 122 9.55 -3.53 13.93
N LEU B 123 10.85 -3.78 13.80
CA LEU B 123 11.90 -2.99 14.44
C LEU B 123 12.40 -1.97 13.40
N ALA B 124 12.45 -0.68 13.76
CA ALA B 124 12.68 0.33 12.73
C ALA B 124 13.45 1.52 13.26
N PRO B 125 14.16 2.23 12.38
CA PRO B 125 14.63 3.58 12.66
C PRO B 125 13.58 4.60 12.24
N LEU B 126 13.76 5.84 12.67
CA LEU B 126 12.94 6.94 12.16
C LEU B 126 13.35 7.25 10.73
N LEU B 127 12.37 7.21 9.83
CA LEU B 127 12.66 7.42 8.42
C LEU B 127 13.01 8.88 8.15
N SER B 128 13.90 9.07 7.20
CA SER B 128 14.38 10.36 6.74
C SER B 128 15.15 11.13 7.83
N ALA B 129 15.42 10.51 9.00
CA ALA B 129 16.22 11.14 10.04
C ALA B 129 17.70 11.05 9.72
N GLY B 130 18.50 11.67 10.58
CA GLY B 130 19.94 11.52 10.54
C GLY B 130 20.51 12.04 9.24
N ILE B 131 21.26 11.17 8.55
CA ILE B 131 21.95 11.58 7.34
C ILE B 131 20.98 11.93 6.22
N PHE B 132 19.69 11.59 6.36
CA PHE B 132 18.68 11.98 5.37
C PHE B 132 18.14 13.39 5.61
N GLY B 133 18.41 14.01 6.77
CA GLY B 133 18.23 15.45 6.95
C GLY B 133 16.87 15.96 7.39
N ALA B 134 15.86 15.10 7.58
CA ALA B 134 14.59 15.58 8.08
C ALA B 134 14.65 15.80 9.58
N ASP B 135 13.73 16.62 10.08
CA ASP B 135 13.57 16.82 11.51
C ASP B 135 13.07 15.51 12.13
N PRO B 136 13.83 14.88 13.04
CA PRO B 136 13.34 13.62 13.62
C PRO B 136 12.05 13.79 14.38
N ILE B 137 11.78 14.98 14.95
CA ILE B 137 10.49 15.20 15.61
C ILE B 137 9.36 15.07 14.62
N HIS B 138 9.55 15.62 13.42
CA HIS B 138 8.56 15.48 12.37
C HIS B 138 8.43 14.03 11.91
N SER B 139 9.55 13.32 11.81
CA SER B 139 9.46 11.93 11.38
C SER B 139 8.67 11.11 12.36
N LEU B 140 8.85 11.35 13.66
CA LEU B 140 8.08 10.64 14.67
C LEU B 140 6.60 10.99 14.54
N ARG B 141 6.28 12.26 14.31
CA ARG B 141 4.91 12.70 14.07
C ARG B 141 4.26 11.93 12.93
N VAL B 142 4.94 11.89 11.80
CA VAL B 142 4.38 11.18 10.64
C VAL B 142 4.25 9.70 10.94
N CYS B 143 5.24 9.12 11.62
CA CYS B 143 5.15 7.72 12.01
C CYS B 143 3.88 7.46 12.80
N VAL B 144 3.66 8.23 13.87
CA VAL B 144 2.51 8.00 14.72
C VAL B 144 1.21 8.21 13.98
N ASP B 145 1.18 9.14 13.04
CA ASP B 145 -0.03 9.49 12.33
C ASP B 145 -0.28 8.60 11.12
N THR B 146 0.66 7.72 10.78
CA THR B 146 0.57 6.89 9.59
C THR B 146 0.60 5.40 9.87
N VAL B 147 1.48 4.96 10.76
CA VAL B 147 1.65 3.53 11.01
C VAL B 147 0.58 3.10 11.99
N ARG B 148 -0.08 1.98 11.65
CA ARG B 148 -1.10 1.38 12.50
C ARG B 148 -0.68 0.02 13.04
N THR B 149 0.31 -0.62 12.43
CA THR B 149 0.87 -1.87 12.93
C THR B 149 1.87 -1.55 14.03
N ASN B 150 2.42 -2.58 14.66
CA ASN B 150 3.24 -2.38 15.85
C ASN B 150 4.67 -2.07 15.45
N VAL B 151 5.12 -0.86 15.74
CA VAL B 151 6.44 -0.42 15.34
C VAL B 151 7.25 -0.07 16.60
N TYR B 152 8.43 -0.67 16.67
CA TYR B 152 9.39 -0.51 17.75
C TYR B 152 10.57 0.29 17.20
N LEU B 153 10.66 1.56 17.60
CA LEU B 153 11.66 2.49 17.08
C LEU B 153 12.90 2.47 17.95
N ALA B 154 14.05 2.34 17.30
CA ALA B 154 15.35 2.39 17.98
C ALA B 154 16.02 3.72 17.64
N VAL B 155 16.38 4.46 18.68
CA VAL B 155 17.04 5.74 18.54
C VAL B 155 18.39 5.63 19.25
N PHE B 156 19.47 5.77 18.48
CA PHE B 156 20.82 5.51 19.01
C PHE B 156 21.24 6.53 20.07
N ASP B 157 21.10 7.82 19.80
CA ASP B 157 21.63 8.84 20.69
C ASP B 157 20.63 9.13 21.82
N LYS B 158 21.05 8.89 23.07
CA LYS B 158 20.21 9.21 24.25
C LYS B 158 19.68 10.64 24.21
N ASN B 159 20.50 11.60 23.77
CA ASN B 159 20.05 12.99 23.77
C ASN B 159 18.96 13.24 22.74
N LEU B 160 19.00 12.55 21.59
CA LEU B 160 17.91 12.68 20.62
C LEU B 160 16.69 11.95 21.12
N TYR B 161 16.88 10.77 21.72
CA TYR B 161 15.77 10.03 22.34
C TYR B 161 15.03 10.92 23.32
N ASP B 162 15.77 11.58 24.21
CA ASP B 162 15.14 12.45 25.20
C ASP B 162 14.39 13.61 24.55
N LYS B 163 14.96 14.19 23.48
N LYS B 163 14.97 14.20 23.50
CA LYS B 163 14.27 15.27 22.78
CA LYS B 163 14.29 15.28 22.77
C LYS B 163 12.97 14.76 22.16
C LYS B 163 12.99 14.78 22.15
N LEU B 164 13.01 13.56 21.58
CA LEU B 164 11.81 13.00 20.96
C LEU B 164 10.74 12.68 21.99
N VAL B 165 11.10 12.01 23.09
CA VAL B 165 10.12 11.63 24.10
C VAL B 165 9.58 12.85 24.82
N SER B 166 10.49 13.75 25.21
CA SER B 166 10.12 14.88 26.06
C SER B 166 9.20 15.83 25.31
N SER B 167 9.31 15.91 23.98
CA SER B 167 8.49 16.81 23.16
C SER B 167 7.27 16.13 22.53
N PHE B 168 7.12 14.81 22.66
CA PHE B 168 6.02 14.13 21.99
C PHE B 168 4.68 14.52 22.60
N LEU B 169 4.69 14.76 23.91
CA LEU B 169 3.49 15.12 24.67
C LEU B 169 3.79 16.04 25.83
C20 WVG C . -17.19 -3.61 -12.28
C02 WVG C . -19.92 -0.78 -7.98
C04 WVG C . -19.34 -1.78 -6.97
C05 WVG C . -19.38 -3.20 -7.49
C06 WVG C . -17.97 -3.86 -7.40
C07 WVG C . -18.07 -5.35 -7.51
C08 WVG C . -17.26 -5.92 -8.62
C09 WVG C . -17.52 -5.26 -9.97
C11 WVG C . -17.10 -3.27 -8.52
C12 WVG C . -17.16 -3.03 -10.99
C14 WVG C . -16.39 -1.07 -11.89
C16 WVG C . -16.78 -2.82 -13.34
C18 WVG C . -17.30 -4.75 -14.21
C19 WVG C . -17.53 -4.85 -12.85
N10 WVG C . -17.59 -3.78 -9.83
N13 WVG C . -16.76 -1.77 -10.85
N15 WVG C . -16.40 -1.57 -13.10
N17 WVG C . -16.86 -3.54 -14.46
O01 WVG C . -21.16 -0.65 -8.09
O03 WVG C . -19.14 -0.12 -8.71
H042 WVG C . -19.84 -1.72 -6.15
H041 WVG C . -18.43 -1.53 -6.78
H052 WVG C . -19.68 -3.20 -8.41
H051 WVG C . -20.01 -3.71 -6.95
H061 WVG C . -17.57 -3.64 -6.55
H071 WVG C . -17.76 -5.74 -6.69
H072 WVG C . -18.99 -5.58 -7.66
H082 WVG C . -17.46 -6.85 -8.72
H081 WVG C . -16.32 -5.82 -8.43
H092 WVG C . -18.36 -5.57 -10.36
H091 WVG C . -16.78 -5.50 -10.55
H112 WVG C . -16.17 -3.52 -8.38
H111 WVG C . -17.18 -2.30 -8.50
H141 WVG C . -16.10 -0.19 -11.79
H181 WVG C . -17.45 -5.43 -14.82
H191 WVG C . -17.83 -5.61 -12.38
H171 WVG C . -16.67 -3.25 -15.24
C20 WYY D . -17.17 -3.66 -12.24
C02 WYY D . -15.97 -7.24 -7.16
C04 WYY D . -17.00 -6.35 -6.48
C05 WYY D . -17.83 -5.60 -7.52
C06 WYY D . -17.87 -4.04 -7.34
C07 WYY D . -19.30 -3.63 -7.36
C08 WYY D . -19.77 -3.41 -8.76
C09 WYY D . -19.00 -4.24 -9.80
C11 WYY D . -17.11 -3.37 -8.49
C12 WYY D . -17.15 -3.12 -10.94
C14 WYY D . -16.45 -1.11 -11.79
C16 WYY D . -16.80 -2.84 -13.28
C18 WYY D . -17.29 -4.76 -14.18
C19 WYY D . -17.48 -4.89 -12.82
N10 WYY D . -17.53 -3.96 -9.80
N13 WYY D . -16.78 -1.86 -10.76
N15 WYY D . -16.45 -1.58 -13.03
N17 WYY D . -16.88 -3.53 -14.42
O01 WYY D . -15.10 -6.72 -7.91
O03 WYY D . -15.97 -8.48 -6.97
H042 WYY D . -17.60 -6.90 -5.95
H041 WYY D . -16.54 -5.71 -5.91
H052 WYY D . -17.45 -5.80 -8.38
H051 WYY D . -18.75 -5.93 -7.51
H061 WYY D . -17.48 -3.78 -6.50
H071 WYY D . -19.85 -4.30 -6.94
H072 WYY D . -19.39 -2.80 -6.88
H082 WYY D . -20.71 -3.65 -8.81
H081 WYY D . -19.67 -2.47 -8.98
H092 WYY D . -19.15 -5.19 -9.63
H091 WYY D . -19.35 -4.03 -10.67
H112 WYY D . -17.31 -2.41 -8.49
H111 WYY D . -16.17 -3.50 -8.38
H141 WYY D . -16.19 -0.23 -11.65
H181 WYY D . -17.42 -5.42 -14.82
H191 WYY D . -17.77 -5.66 -12.38
H171 WYY D . -16.71 -3.21 -15.20
#